data_5K79
#
_entry.id   5K79
#
_cell.length_a   93.840
_cell.length_b   74.396
_cell.length_c   36.499
_cell.angle_alpha   90.00
_cell.angle_beta   90.00
_cell.angle_gamma   90.00
#
_symmetry.space_group_name_H-M   'P 21 21 2'
#
loop_
_entity.id
_entity.type
_entity.pdbx_description
1 polymer 'Cyanovirin-N domain protein'
2 non-polymer DI(HYDROXYETHYL)ETHER
3 non-polymer 1,2-ETHANEDIOL
4 water water
#
_entity_poly.entity_id   1
_entity_poly.type   'polypeptide(L)'
_entity_poly.pdbx_seq_one_letter_code
;TGQFSKTCEDITLDGSTLSAFCQKADGYTLNETSINLDEEIGNLDGTLSWGDHNFSLTCDSIGLAQSLFTRTYVLAAECE
RRDGYTYIPTEIELDEHIANIDGTLTYE
;
_entity_poly.pdbx_strand_id   A,B
#
loop_
_chem_comp.id
_chem_comp.type
_chem_comp.name
_chem_comp.formula
EDO non-polymer 1,2-ETHANEDIOL 'C2 H6 O2'
PEG non-polymer DI(HYDROXYETHYL)ETHER 'C4 H10 O3'
#
# COMPACT_ATOMS: atom_id res chain seq x y z
N THR A 1 -17.25 -8.55 -13.20
CA THR A 1 -16.09 -8.27 -14.03
C THR A 1 -14.78 -8.48 -13.25
N GLY A 2 -13.68 -8.52 -13.99
CA GLY A 2 -12.38 -8.72 -13.40
C GLY A 2 -12.22 -10.10 -12.80
N GLN A 3 -11.55 -10.13 -11.64
CA GLN A 3 -11.36 -11.34 -10.83
C GLN A 3 -10.54 -12.44 -11.50
N PHE A 4 -9.54 -12.06 -12.29
CA PHE A 4 -8.67 -13.08 -12.91
C PHE A 4 -8.06 -14.05 -11.88
N SER A 5 -7.82 -13.61 -10.65
CA SER A 5 -7.06 -14.47 -9.72
C SER A 5 -7.85 -15.71 -9.31
N LYS A 6 -9.17 -15.68 -9.51
CA LYS A 6 -9.97 -16.83 -9.14
C LYS A 6 -9.72 -18.04 -10.05
N THR A 7 -9.23 -17.80 -11.26
CA THR A 7 -9.07 -18.87 -12.24
C THR A 7 -7.69 -18.83 -12.89
N CYS A 8 -6.76 -18.14 -12.27
CA CYS A 8 -5.38 -18.07 -12.76
C CYS A 8 -4.40 -18.49 -11.66
N GLU A 9 -3.31 -19.13 -12.06
CA GLU A 9 -2.29 -19.62 -11.14
C GLU A 9 -0.90 -19.07 -11.46
N ASP A 10 0.01 -19.21 -10.51
CA ASP A 10 1.38 -18.73 -10.66
C ASP A 10 1.42 -17.30 -11.20
N ILE A 11 0.78 -16.40 -10.46
CA ILE A 11 0.69 -15.01 -10.88
C ILE A 11 1.99 -14.30 -10.57
N THR A 12 2.58 -13.64 -11.56
CA THR A 12 3.88 -12.99 -11.40
C THR A 12 3.95 -11.63 -12.08
N LEU A 13 4.96 -10.84 -11.71
CA LEU A 13 5.20 -9.56 -12.34
C LEU A 13 6.66 -9.44 -12.74
N ASP A 14 6.88 -9.03 -13.98
CA ASP A 14 8.22 -8.75 -14.49
C ASP A 14 8.15 -7.35 -15.09
N GLY A 15 8.82 -6.39 -14.48
CA GLY A 15 8.69 -5.01 -14.90
C GLY A 15 7.25 -4.57 -14.68
N SER A 16 6.56 -4.19 -15.75
CA SER A 16 5.16 -3.84 -15.61
C SER A 16 4.25 -4.89 -16.22
N THR A 17 4.82 -6.04 -16.57
CA THR A 17 4.03 -7.08 -17.24
C THR A 17 3.59 -8.14 -16.24
N LEU A 18 2.28 -8.25 -16.10
CA LEU A 18 1.67 -9.26 -15.23
C LEU A 18 1.48 -10.54 -16.02
N SER A 19 1.95 -11.67 -15.49
CA SER A 19 1.75 -12.96 -16.16
C SER A 19 1.09 -13.97 -15.24
N ALA A 20 0.44 -14.96 -15.84
CA ALA A 20 -0.17 -16.05 -15.08
C ALA A 20 -0.45 -17.23 -16.00
N PHE A 21 -0.85 -18.34 -15.39
CA PHE A 21 -1.38 -19.47 -16.13
C PHE A 21 -2.85 -19.56 -15.85
N CYS A 22 -3.67 -19.26 -16.86
CA CYS A 22 -5.10 -19.11 -16.64
C CYS A 22 -5.93 -20.22 -17.26
N GLN A 23 -7.00 -20.58 -16.57
CA GLN A 23 -7.93 -21.59 -17.06
C GLN A 23 -8.67 -21.09 -18.29
N LYS A 24 -8.75 -21.92 -19.31
CA LYS A 24 -9.63 -21.63 -20.43
C LYS A 24 -11.09 -21.89 -20.03
N ALA A 25 -12.01 -21.66 -20.97
CA ALA A 25 -13.44 -21.79 -20.68
C ALA A 25 -13.86 -23.17 -20.13
N ASP A 26 -13.10 -24.21 -20.45
CA ASP A 26 -13.45 -25.55 -19.96
C ASP A 26 -13.15 -25.73 -18.47
N GLY A 27 -12.45 -24.77 -17.89
CA GLY A 27 -12.17 -24.80 -16.47
C GLY A 27 -10.93 -25.56 -16.05
N TYR A 28 -10.16 -26.11 -16.98
CA TYR A 28 -8.96 -26.85 -16.58
C TYR A 28 -7.77 -26.70 -17.53
N THR A 29 -8.03 -26.45 -18.81
CA THR A 29 -6.94 -26.21 -19.75
C THR A 29 -6.23 -24.91 -19.39
N LEU A 30 -4.94 -25.00 -19.12
CA LEU A 30 -4.16 -23.83 -18.74
C LEU A 30 -3.53 -23.12 -19.94
N ASN A 31 -3.43 -21.80 -19.83
CA ASN A 31 -2.85 -20.97 -20.88
C ASN A 31 -1.94 -19.92 -20.27
N GLU A 32 -0.68 -19.90 -20.69
CA GLU A 32 0.23 -18.86 -20.22
C GLU A 32 -0.14 -17.56 -20.91
N THR A 33 -0.34 -16.52 -20.11
CA THR A 33 -0.86 -15.26 -20.61
C THR A 33 -0.19 -14.09 -19.88
N SER A 34 -0.08 -12.95 -20.56
CA SER A 34 0.53 -11.77 -19.98
CA SER A 34 0.56 -11.77 -20.01
C SER A 34 -0.25 -10.52 -20.35
N ILE A 35 -0.10 -9.50 -19.54
CA ILE A 35 -0.77 -8.23 -19.82
C ILE A 35 0.10 -7.10 -19.28
N ASN A 36 0.26 -6.04 -20.07
CA ASN A 36 1.13 -4.94 -19.68
C ASN A 36 0.37 -3.92 -18.85
N LEU A 37 0.71 -3.82 -17.57
CA LEU A 37 0.00 -2.93 -16.65
C LEU A 37 0.21 -1.46 -16.95
N ASP A 38 1.29 -1.11 -17.66
CA ASP A 38 1.49 0.29 -18.04
C ASP A 38 0.42 0.78 -18.99
N GLU A 39 -0.27 -0.14 -19.66
CA GLU A 39 -1.28 0.26 -20.63
C GLU A 39 -2.53 0.84 -19.98
N GLU A 40 -2.86 0.44 -18.74
CA GLU A 40 -4.08 0.92 -18.11
C GLU A 40 -3.94 1.32 -16.65
N ILE A 41 -2.71 1.42 -16.16
CA ILE A 41 -2.47 1.94 -14.82
C ILE A 41 -1.47 3.08 -14.87
N GLY A 42 -1.85 4.21 -14.31
CA GLY A 42 -0.96 5.36 -14.26
C GLY A 42 -0.76 5.85 -12.84
N ASN A 43 0.04 6.90 -12.73
CA ASN A 43 0.33 7.50 -11.43
C ASN A 43 -0.30 8.87 -11.36
N LEU A 44 -1.35 8.99 -10.56
CA LEU A 44 -2.00 10.28 -10.34
C LEU A 44 -1.61 10.85 -8.99
N ASP A 45 -0.63 11.76 -8.99
CA ASP A 45 -0.14 12.43 -7.78
C ASP A 45 0.17 11.41 -6.68
N GLY A 46 0.82 10.31 -7.05
CA GLY A 46 1.22 9.32 -6.06
C GLY A 46 0.27 8.14 -5.90
N THR A 47 -0.83 8.15 -6.64
CA THR A 47 -1.83 7.09 -6.53
C THR A 47 -1.94 6.28 -7.81
N LEU A 48 -1.68 4.96 -7.72
CA LEU A 48 -1.91 4.08 -8.87
C LEU A 48 -3.38 4.11 -9.25
N SER A 49 -3.63 4.40 -10.52
CA SER A 49 -4.98 4.71 -10.96
C SER A 49 -5.33 4.02 -12.26
N TRP A 50 -6.46 3.34 -12.27
CA TRP A 50 -6.95 2.70 -13.48
C TRP A 50 -7.30 3.73 -14.54
N GLY A 51 -7.02 3.42 -15.80
CA GLY A 51 -7.45 4.26 -16.90
C GLY A 51 -6.42 5.28 -17.31
N ASP A 52 -5.44 5.50 -16.45
CA ASP A 52 -4.26 6.28 -16.80
C ASP A 52 -3.20 5.30 -17.33
N HIS A 53 -1.99 5.78 -17.61
CA HIS A 53 -1.01 4.95 -18.29
C HIS A 53 0.40 5.19 -17.76
N ASN A 54 1.27 4.19 -17.95
CA ASN A 54 2.71 4.35 -17.74
C ASN A 54 3.14 4.70 -16.33
N PHE A 55 2.48 4.11 -15.34
CA PHE A 55 2.86 4.33 -13.95
C PHE A 55 4.35 4.07 -13.71
N SER A 56 4.94 3.12 -14.46
CA SER A 56 6.29 2.67 -14.15
C SER A 56 7.32 3.75 -14.37
N LEU A 57 6.97 4.79 -15.13
CA LEU A 57 7.93 5.86 -15.42
C LEU A 57 8.14 6.79 -14.24
N THR A 58 7.22 6.77 -13.28
CA THR A 58 7.31 7.69 -12.14
C THR A 58 7.07 6.99 -10.81
N CYS A 59 7.25 5.66 -10.79
CA CYS A 59 7.12 4.89 -9.56
C CYS A 59 8.34 3.98 -9.37
N ASP A 60 8.73 3.77 -8.12
CA ASP A 60 9.86 2.93 -7.75
C ASP A 60 9.37 1.73 -6.95
N SER A 61 10.26 0.77 -6.70
CA SER A 61 9.98 -0.35 -5.81
C SER A 61 8.69 -1.05 -6.19
N ILE A 62 8.55 -1.31 -7.49
CA ILE A 62 7.36 -1.91 -8.05
C ILE A 62 7.34 -3.41 -7.78
N GLY A 63 6.21 -3.91 -7.31
CA GLY A 63 6.11 -5.33 -7.02
C GLY A 63 4.68 -5.82 -7.00
N LEU A 64 4.53 -7.14 -7.04
CA LEU A 64 3.25 -7.78 -6.91
C LEU A 64 3.15 -8.36 -5.50
N ALA A 65 2.02 -8.17 -4.85
CA ALA A 65 1.85 -8.70 -3.50
C ALA A 65 0.41 -9.09 -3.26
N GLN A 66 0.17 -9.79 -2.15
CA GLN A 66 -1.17 -9.97 -1.64
C GLN A 66 -1.28 -9.04 -0.45
N SER A 67 -2.27 -8.15 -0.48
CA SER A 67 -2.41 -7.11 0.54
C SER A 67 -2.49 -7.73 1.92
N LEU A 68 -1.90 -7.08 2.91
CA LEU A 68 -1.72 -7.71 4.21
C LEU A 68 -3.01 -8.20 4.87
N PHE A 69 -4.00 -7.34 4.97
CA PHE A 69 -5.20 -7.72 5.71
C PHE A 69 -6.21 -8.46 4.85
N THR A 70 -6.32 -8.05 3.59
CA THR A 70 -7.39 -8.53 2.71
C THR A 70 -6.95 -9.67 1.78
N ARG A 71 -5.64 -9.82 1.60
CA ARG A 71 -5.07 -10.81 0.69
C ARG A 71 -5.52 -10.58 -0.76
N THR A 72 -5.83 -9.33 -1.08
CA THR A 72 -6.15 -8.99 -2.47
C THR A 72 -4.85 -8.91 -3.27
N TYR A 73 -4.90 -9.31 -4.53
CA TYR A 73 -3.75 -9.17 -5.40
C TYR A 73 -3.53 -7.72 -5.78
N VAL A 74 -2.39 -7.18 -5.42
CA VAL A 74 -2.11 -5.78 -5.67
C VAL A 74 -0.79 -5.56 -6.42
N LEU A 75 -0.82 -4.56 -7.30
CA LEU A 75 0.39 -3.91 -7.76
C LEU A 75 0.72 -2.86 -6.70
N ALA A 76 1.94 -2.93 -6.17
CA ALA A 76 2.37 -2.03 -5.11
C ALA A 76 3.64 -1.31 -5.55
N ALA A 77 3.74 -0.05 -5.18
CA ALA A 77 4.91 0.73 -5.52
C ALA A 77 5.05 1.95 -4.61
N GLU A 78 6.15 2.66 -4.81
CA GLU A 78 6.32 3.98 -4.21
C GLU A 78 6.24 4.97 -5.34
N CYS A 79 5.18 5.76 -5.40
CA CYS A 79 4.98 6.62 -6.56
C CYS A 79 5.29 8.08 -6.27
N GLU A 80 5.84 8.75 -7.28
CA GLU A 80 6.18 10.16 -7.17
C GLU A 80 4.94 11.04 -7.18
N ARG A 81 4.88 12.00 -6.26
CA ARG A 81 3.75 12.92 -6.25
C ARG A 81 4.02 14.07 -7.21
N ARG A 82 2.99 14.88 -7.44
CA ARG A 82 3.02 15.94 -8.43
C ARG A 82 4.12 16.96 -8.17
N ASP A 83 4.50 17.13 -6.90
CA ASP A 83 5.48 18.15 -6.55
C ASP A 83 6.89 17.82 -7.05
N GLY A 84 7.08 16.58 -7.49
CA GLY A 84 8.33 16.17 -8.09
C GLY A 84 9.41 15.65 -7.16
N TYR A 85 9.14 15.57 -5.87
CA TYR A 85 10.13 15.02 -4.94
C TYR A 85 9.54 14.13 -3.84
N THR A 86 8.27 14.31 -3.52
CA THR A 86 7.61 13.49 -2.51
C THR A 86 7.13 12.17 -3.09
N TYR A 87 7.45 11.07 -2.41
CA TYR A 87 6.93 9.76 -2.81
C TYR A 87 5.95 9.27 -1.76
N ILE A 88 5.07 8.37 -2.17
CA ILE A 88 4.06 7.83 -1.26
C ILE A 88 3.81 6.38 -1.65
N PRO A 89 3.67 5.49 -0.65
CA PRO A 89 3.32 4.11 -1.01
C PRO A 89 1.91 4.04 -1.58
N THR A 90 1.70 3.13 -2.50
CA THR A 90 0.40 2.99 -3.14
C THR A 90 0.20 1.54 -3.57
N GLU A 91 -1.05 1.08 -3.53
CA GLU A 91 -1.45 -0.27 -3.92
C GLU A 91 -2.67 -0.17 -4.81
N ILE A 92 -2.77 -1.01 -5.82
CA ILE A 92 -4.00 -1.05 -6.62
C ILE A 92 -4.44 -2.51 -6.80
N GLU A 93 -5.73 -2.76 -6.60
CA GLU A 93 -6.24 -4.13 -6.62
C GLU A 93 -6.48 -4.60 -8.05
N LEU A 94 -5.62 -5.51 -8.50
CA LEU A 94 -5.59 -5.88 -9.90
C LEU A 94 -6.86 -6.59 -10.36
N ASP A 95 -7.55 -7.26 -9.43
CA ASP A 95 -8.76 -8.00 -9.77
C ASP A 95 -9.94 -7.09 -10.11
N GLU A 96 -9.78 -5.79 -9.85
CA GLU A 96 -10.84 -4.84 -10.16
C GLU A 96 -11.12 -4.76 -11.66
N HIS A 97 -10.07 -4.84 -12.48
CA HIS A 97 -10.26 -4.61 -13.91
C HIS A 97 -9.47 -5.52 -14.81
N ILE A 98 -8.96 -6.62 -14.27
CA ILE A 98 -8.29 -7.62 -15.09
C ILE A 98 -9.05 -8.93 -14.92
N ALA A 99 -9.54 -9.46 -16.04
CA ALA A 99 -10.30 -10.69 -16.06
C ALA A 99 -9.55 -11.77 -16.78
N ASN A 100 -9.96 -13.00 -16.53
CA ASN A 100 -9.52 -14.12 -17.34
C ASN A 100 -10.63 -14.45 -18.33
N ILE A 101 -10.41 -14.10 -19.59
CA ILE A 101 -11.37 -14.43 -20.62
C ILE A 101 -10.83 -15.58 -21.45
N ASP A 102 -11.39 -16.77 -21.23
CA ASP A 102 -10.99 -17.99 -21.97
C ASP A 102 -9.47 -18.18 -21.99
N GLY A 103 -8.84 -17.89 -20.85
CA GLY A 103 -7.42 -18.17 -20.68
C GLY A 103 -6.52 -16.97 -20.89
N THR A 104 -7.09 -15.84 -21.27
CA THR A 104 -6.31 -14.65 -21.61
C THR A 104 -6.62 -13.49 -20.67
N LEU A 105 -5.60 -12.96 -20.01
CA LEU A 105 -5.77 -11.78 -19.17
C LEU A 105 -6.28 -10.62 -20.02
N THR A 106 -7.33 -9.97 -19.54
CA THR A 106 -8.06 -9.00 -20.35
C THR A 106 -8.52 -7.85 -19.49
N TYR A 107 -8.31 -6.62 -19.94
CA TYR A 107 -8.87 -5.48 -19.24
C TYR A 107 -10.39 -5.43 -19.44
N GLU A 108 -11.11 -5.16 -18.36
CA GLU A 108 -12.58 -5.12 -18.35
C GLU A 108 -13.03 -4.01 -17.44
N THR B 1 -5.57 1.86 -1.74
CA THR B 1 -5.80 1.82 -0.30
C THR B 1 -4.78 2.69 0.44
N GLY B 2 -5.06 2.93 1.72
CA GLY B 2 -4.21 3.76 2.55
C GLY B 2 -4.17 5.21 2.09
N GLN B 3 -2.99 5.82 2.16
CA GLN B 3 -2.72 7.18 1.67
C GLN B 3 -3.49 8.29 2.37
N PHE B 4 -3.73 8.15 3.67
CA PHE B 4 -4.41 9.21 4.41
C PHE B 4 -3.72 10.57 4.27
N SER B 5 -2.41 10.62 4.08
CA SER B 5 -1.71 11.92 4.13
C SER B 5 -2.10 12.81 2.94
N LYS B 6 -2.65 12.21 1.89
CA LYS B 6 -3.05 13.00 0.73
C LYS B 6 -4.23 13.92 1.04
N THR B 7 -5.02 13.58 2.05
CA THR B 7 -6.23 14.33 2.36
C THR B 7 -6.36 14.67 3.85
N CYS B 8 -5.24 14.59 4.57
CA CYS B 8 -5.23 14.93 5.98
C CYS B 8 -4.14 15.98 6.22
N GLU B 9 -4.40 16.87 7.17
CA GLU B 9 -3.46 17.92 7.51
C GLU B 9 -3.08 17.91 8.98
N ASP B 10 -2.03 18.64 9.31
CA ASP B 10 -1.53 18.74 10.68
C ASP B 10 -1.46 17.36 11.35
N ILE B 11 -0.70 16.48 10.72
CA ILE B 11 -0.54 15.11 11.20
C ILE B 11 0.42 15.10 12.38
N THR B 12 0.01 14.49 13.49
CA THR B 12 0.80 14.49 14.73
C THR B 12 0.77 13.13 15.43
N LEU B 13 1.71 12.93 16.34
CA LEU B 13 1.74 11.70 17.13
C LEU B 13 1.91 12.04 18.59
N ASP B 14 1.09 11.42 19.43
CA ASP B 14 1.20 11.54 20.87
C ASP B 14 1.19 10.12 21.43
N GLY B 15 2.32 9.69 21.99
CA GLY B 15 2.46 8.33 22.42
C GLY B 15 2.35 7.45 21.19
N SER B 16 1.36 6.57 21.16
CA SER B 16 1.18 5.72 20.00
C SER B 16 -0.01 6.15 19.17
N THR B 17 -0.58 7.31 19.52
CA THR B 17 -1.80 7.75 18.85
C THR B 17 -1.50 8.79 17.78
N LEU B 18 -1.84 8.44 16.54
CA LEU B 18 -1.72 9.33 15.39
C LEU B 18 -2.98 10.16 15.26
N SER B 19 -2.84 11.47 15.14
CA SER B 19 -3.99 12.35 14.93
C SER B 19 -3.79 13.22 13.70
N ALA B 20 -4.90 13.67 13.12
CA ALA B 20 -4.83 14.57 11.98
C ALA B 20 -6.17 15.28 11.82
N PHE B 21 -6.18 16.27 10.93
CA PHE B 21 -7.43 16.90 10.51
C PHE B 21 -7.68 16.45 9.09
N CYS B 22 -8.69 15.61 8.91
CA CYS B 22 -8.90 14.96 7.62
C CYS B 22 -10.13 15.44 6.89
N GLN B 23 -10.01 15.50 5.57
CA GLN B 23 -11.13 15.88 4.70
C GLN B 23 -12.22 14.83 4.71
N LYS B 24 -13.46 15.27 4.84
CA LYS B 24 -14.58 14.38 4.64
C LYS B 24 -14.77 14.15 3.13
N ALA B 25 -15.78 13.34 2.79
CA ALA B 25 -16.02 12.96 1.41
C ALA B 25 -16.23 14.17 0.46
N ASP B 26 -16.69 15.29 0.99
CA ASP B 26 -16.89 16.46 0.14
C ASP B 26 -15.58 17.11 -0.27
N GLY B 27 -14.47 16.68 0.34
CA GLY B 27 -13.16 17.15 -0.04
C GLY B 27 -12.68 18.43 0.62
N TYR B 28 -13.46 18.98 1.54
CA TYR B 28 -13.02 20.20 2.22
C TYR B 28 -13.43 20.31 3.69
N THR B 29 -14.53 19.66 4.10
CA THR B 29 -14.90 19.67 5.51
C THR B 29 -13.86 18.93 6.33
N LEU B 30 -13.23 19.61 7.29
CA LEU B 30 -12.22 18.97 8.10
C LEU B 30 -12.79 18.30 9.34
N ASN B 31 -12.17 17.19 9.72
CA ASN B 31 -12.56 16.42 10.90
C ASN B 31 -11.33 15.99 11.66
N GLU B 32 -11.25 16.36 12.94
CA GLU B 32 -10.15 15.92 13.77
C GLU B 32 -10.38 14.47 14.14
N THR B 33 -9.37 13.65 13.87
CA THR B 33 -9.49 12.21 14.00
C THR B 33 -8.21 11.61 14.56
N SER B 34 -8.34 10.51 15.29
CA SER B 34 -7.20 9.85 15.92
C SER B 34 -7.26 8.36 15.67
N ILE B 35 -6.11 7.71 15.67
CA ILE B 35 -6.06 6.25 15.55
C ILE B 35 -4.86 5.74 16.35
N ASN B 36 -5.06 4.67 17.11
CA ASN B 36 -3.99 4.15 17.95
C ASN B 36 -3.13 3.18 17.13
N LEU B 37 -1.87 3.56 16.88
CA LEU B 37 -0.97 2.74 16.07
C LEU B 37 -0.60 1.42 16.73
N ASP B 38 -0.77 1.33 18.04
CA ASP B 38 -0.51 0.06 18.72
C ASP B 38 -1.45 -1.05 18.26
N GLU B 39 -2.58 -0.69 17.67
CA GLU B 39 -3.54 -1.72 17.27
C GLU B 39 -3.05 -2.56 16.09
N GLU B 40 -2.24 -1.97 15.22
CA GLU B 40 -1.82 -2.73 14.04
C GLU B 40 -0.36 -2.58 13.68
N ILE B 41 0.43 -2.02 14.59
CA ILE B 41 1.87 -2.01 14.41
C ILE B 41 2.54 -2.64 15.63
N GLY B 42 3.37 -3.64 15.39
CA GLY B 42 4.10 -4.29 16.46
C GLY B 42 5.60 -4.26 16.20
N ASN B 43 6.35 -4.82 17.13
CA ASN B 43 7.79 -4.89 17.04
C ASN B 43 8.22 -6.34 16.83
N LEU B 44 8.65 -6.64 15.61
CA LEU B 44 9.15 -7.98 15.29
C LEU B 44 10.68 -7.97 15.24
N ASP B 45 11.30 -8.37 16.35
CA ASP B 45 12.75 -8.47 16.44
C ASP B 45 13.41 -7.16 15.97
N GLY B 46 12.85 -6.04 16.40
CA GLY B 46 13.43 -4.74 16.05
C GLY B 46 12.81 -4.03 14.86
N THR B 47 11.86 -4.69 14.19
CA THR B 47 11.24 -4.11 13.01
C THR B 47 9.78 -3.76 13.23
N LEU B 48 9.43 -2.49 13.07
CA LEU B 48 8.02 -2.11 13.10
C LEU B 48 7.29 -2.83 11.98
N SER B 49 6.22 -3.52 12.34
CA SER B 49 5.59 -4.44 11.42
C SER B 49 4.07 -4.35 11.46
N TRP B 50 3.46 -4.16 10.30
CA TRP B 50 2.01 -4.15 10.20
C TRP B 50 1.41 -5.49 10.56
N GLY B 51 0.29 -5.46 11.28
CA GLY B 51 -0.44 -6.67 11.59
C GLY B 51 -0.04 -7.26 12.92
N ASP B 52 1.10 -6.83 13.43
CA ASP B 52 1.45 -7.13 14.81
C ASP B 52 0.92 -5.99 15.67
N HIS B 53 1.19 -6.02 16.97
CA HIS B 53 0.53 -5.08 17.88
C HIS B 53 1.46 -4.59 18.98
N ASN B 54 1.11 -3.42 19.52
CA ASN B 54 1.70 -2.91 20.75
C ASN B 54 3.19 -2.64 20.68
N PHE B 55 3.65 -2.11 19.56
CA PHE B 55 5.06 -1.76 19.40
C PHE B 55 5.56 -0.85 20.53
N SER B 56 4.69 0.01 21.06
CA SER B 56 5.16 1.06 21.98
C SER B 56 5.71 0.49 23.27
N LEU B 57 5.36 -0.76 23.58
CA LEU B 57 5.84 -1.37 24.81
C LEU B 57 7.28 -1.81 24.76
N THR B 58 7.83 -1.94 23.55
CA THR B 58 9.21 -2.42 23.42
C THR B 58 10.04 -1.56 22.47
N CYS B 59 9.60 -0.32 22.26
CA CYS B 59 10.35 0.62 21.43
C CYS B 59 10.55 1.95 22.14
N ASP B 60 11.69 2.57 21.88
CA ASP B 60 12.04 3.86 22.48
C ASP B 60 12.11 4.94 21.41
N SER B 61 12.23 6.19 21.84
CA SER B 61 12.46 7.29 20.91
C SER B 61 11.46 7.30 19.76
N ILE B 62 10.20 7.14 20.12
CA ILE B 62 9.13 7.06 19.14
C ILE B 62 8.75 8.43 18.60
N GLY B 63 8.65 8.55 17.29
CA GLY B 63 8.30 9.82 16.70
C GLY B 63 7.71 9.70 15.32
N LEU B 64 7.11 10.79 14.87
CA LEU B 64 6.57 10.89 13.53
C LEU B 64 7.56 11.73 12.72
N ALA B 65 7.86 11.30 11.51
CA ALA B 65 8.77 12.05 10.66
C ALA B 65 8.38 11.90 9.21
N GLN B 66 8.99 12.71 8.37
CA GLN B 66 8.96 12.50 6.94
C GLN B 66 10.32 11.93 6.57
N SER B 67 10.32 10.76 5.94
CA SER B 67 11.57 10.05 5.66
C SER B 67 12.51 10.92 4.84
N LEU B 68 13.81 10.80 5.12
CA LEU B 68 14.77 11.74 4.56
C LEU B 68 14.77 11.83 3.03
N PHE B 69 14.84 10.69 2.36
CA PHE B 69 14.97 10.71 0.91
C PHE B 69 13.64 10.78 0.19
N THR B 70 12.65 10.07 0.72
CA THR B 70 11.37 9.87 0.05
C THR B 70 10.26 10.82 0.52
N ARG B 71 10.45 11.42 1.70
CA ARG B 71 9.45 12.29 2.33
C ARG B 71 8.15 11.54 2.60
N THR B 72 8.25 10.23 2.80
CA THR B 72 7.10 9.44 3.19
C THR B 72 6.83 9.67 4.66
N TYR B 73 5.56 9.65 5.05
CA TYR B 73 5.21 9.75 6.46
C TYR B 73 5.52 8.48 7.19
N VAL B 74 6.40 8.56 8.18
CA VAL B 74 6.82 7.36 8.89
C VAL B 74 6.66 7.47 10.41
N LEU B 75 6.30 6.36 11.02
CA LEU B 75 6.52 6.14 12.44
C LEU B 75 7.94 5.64 12.58
N ALA B 76 8.73 6.31 13.41
CA ALA B 76 10.14 5.97 13.58
C ALA B 76 10.42 5.69 15.02
N ALA B 77 11.28 4.72 15.29
CA ALA B 77 11.61 4.41 16.65
C ALA B 77 12.92 3.66 16.73
N GLU B 78 13.36 3.42 17.96
CA GLU B 78 14.45 2.50 18.23
C GLU B 78 13.82 1.30 18.91
N CYS B 79 13.78 0.16 18.24
CA CYS B 79 13.05 -0.97 18.79
C CYS B 79 13.97 -2.05 19.35
N GLU B 80 13.51 -2.67 20.43
CA GLU B 80 14.25 -3.74 21.09
C GLU B 80 14.20 -5.00 20.23
N ARG B 81 15.36 -5.64 20.05
CA ARG B 81 15.38 -6.89 19.32
C ARG B 81 15.10 -8.06 20.25
N ARG B 82 14.91 -9.25 19.66
CA ARG B 82 14.46 -10.44 20.38
C ARG B 82 15.42 -10.81 21.51
N ASP B 83 16.70 -10.48 21.36
CA ASP B 83 17.69 -10.88 22.36
C ASP B 83 17.52 -10.12 23.68
N GLY B 84 16.72 -9.07 23.67
CA GLY B 84 16.39 -8.36 24.89
C GLY B 84 17.34 -7.24 25.28
N TYR B 85 18.35 -6.97 24.48
CA TYR B 85 19.25 -5.86 24.81
C TYR B 85 19.68 -5.04 23.60
N THR B 86 19.67 -5.64 22.41
CA THR B 86 20.07 -4.92 21.21
C THR B 86 18.91 -4.10 20.68
N TYR B 87 19.17 -2.84 20.37
CA TYR B 87 18.18 -1.99 19.73
C TYR B 87 18.58 -1.68 18.30
N ILE B 88 17.61 -1.34 17.47
CA ILE B 88 17.88 -1.05 16.07
C ILE B 88 16.89 0.03 15.63
N PRO B 89 17.36 1.01 14.83
CA PRO B 89 16.39 1.98 14.31
C PRO B 89 15.45 1.33 13.33
N THR B 90 14.22 1.83 13.28
CA THR B 90 13.22 1.26 12.40
C THR B 90 12.23 2.37 12.00
N GLU B 91 11.71 2.25 10.78
CA GLU B 91 10.74 3.20 10.23
C GLU B 91 9.65 2.40 9.56
N ILE B 92 8.40 2.85 9.66
CA ILE B 92 7.32 2.20 8.92
C ILE B 92 6.45 3.25 8.23
N GLU B 93 6.12 3.01 6.96
CA GLU B 93 5.40 4.02 6.16
C GLU B 93 3.91 3.96 6.44
N LEU B 94 3.41 4.98 7.14
CA LEU B 94 2.05 4.92 7.65
C LEU B 94 0.98 4.93 6.55
N ASP B 95 1.30 5.49 5.39
CA ASP B 95 0.34 5.57 4.29
C ASP B 95 0.04 4.20 3.67
N GLU B 96 0.82 3.20 4.04
CA GLU B 96 0.62 1.86 3.50
C GLU B 96 -0.72 1.29 3.92
N HIS B 97 -1.13 1.56 5.15
CA HIS B 97 -2.33 0.91 5.68
C HIS B 97 -3.23 1.78 6.52
N ILE B 98 -3.05 3.09 6.42
CA ILE B 98 -3.96 4.00 7.10
C ILE B 98 -4.60 4.88 6.04
N ALA B 99 -5.92 4.85 6.00
CA ALA B 99 -6.68 5.64 5.04
C ALA B 99 -7.49 6.70 5.75
N ASN B 100 -7.89 7.69 4.98
CA ASN B 100 -8.90 8.63 5.41
C ASN B 100 -10.22 8.25 4.77
N ILE B 101 -11.12 7.70 5.58
CA ILE B 101 -12.45 7.35 5.11
C ILE B 101 -13.46 8.37 5.63
N ASP B 102 -13.90 9.26 4.75
CA ASP B 102 -14.90 10.29 5.09
C ASP B 102 -14.53 11.03 6.39
N GLY B 103 -13.24 11.30 6.54
CA GLY B 103 -12.76 12.12 7.64
C GLY B 103 -12.22 11.36 8.84
N THR B 104 -12.29 10.04 8.81
CA THR B 104 -11.88 9.20 9.95
C THR B 104 -10.70 8.31 9.54
N LEU B 105 -9.60 8.41 10.28
CA LEU B 105 -8.46 7.54 10.05
C LEU B 105 -8.86 6.08 10.28
N THR B 106 -8.50 5.24 9.33
CA THR B 106 -9.02 3.88 9.27
C THR B 106 -7.95 2.94 8.76
N TYR B 107 -7.76 1.81 9.43
CA TYR B 107 -6.88 0.78 8.91
C TYR B 107 -7.49 0.10 7.68
N GLU B 108 -6.63 -0.14 6.68
CA GLU B 108 -7.04 -0.74 5.41
C GLU B 108 -5.96 -1.69 4.97
C1 PEG C . -13.31 -2.45 -21.85
O1 PEG C . -14.32 -1.99 -22.78
C2 PEG C . -12.20 -1.45 -22.03
O2 PEG C . -10.96 -1.73 -21.45
C3 PEG C . -9.96 -1.18 -22.30
C4 PEG C . -8.88 -2.16 -22.62
O4 PEG C . -8.06 -2.00 -23.77
C1 PEG D . -8.78 -4.10 6.96
O1 PEG D . -9.86 -4.80 6.40
C2 PEG D . -8.52 -4.70 8.31
O2 PEG D . -7.97 -3.85 9.28
C3 PEG D . -8.02 -4.49 10.54
C4 PEG D . -9.10 -3.91 11.46
O4 PEG D . -9.80 -4.85 12.31
C1 EDO E . -11.31 11.11 19.55
O1 EDO E . -11.83 9.88 19.11
C2 EDO E . -11.09 12.07 18.38
O2 EDO E . -11.59 13.34 18.84
#